data_5BUV
#
_entry.id   5BUV
#
_cell.length_a   79.160
_cell.length_b   42.678
_cell.length_c   150.463
_cell.angle_alpha   90.00
_cell.angle_beta   90.39
_cell.angle_gamma   90.00
#
_symmetry.space_group_name_H-M   'C 1 2 1'
#
loop_
_entity.id
_entity.type
_entity.pdbx_description
1 polymer 'Putative epimerase'
2 non-polymer 'PHOSPHATE ION'
3 non-polymer 6-AMINOPYRIMIDIN-2(1H)-ONE
4 non-polymer 1,2-ETHANEDIOL
5 water water
#
_entity_poly.entity_id   1
_entity_poly.type   'polypeptide(L)'
_entity_poly.pdbx_seq_one_letter_code
;GHMASIINITELNISGCYLIESPIFSDERGEFVKTHHQEIFKNFGLEIPSAEEYYSRSKNNVIRGMHFQQYPDDHNKLVF
CPEGEVLDVFLDIRKDSNTYGQFMSFILNPHNRRSIFLAKGIAHGFLSMKDNTLIVCKTSTVHSPSRDSGIHWNSFGFKW
PVENPIISDKDRNLDCFF
;
_entity_poly.pdbx_strand_id   A,B,C
#
# COMPACT_ATOMS: atom_id res chain seq x y z
N ALA A 4 9.10 5.59 -9.60
CA ALA A 4 7.94 6.55 -9.67
C ALA A 4 6.71 6.02 -8.90
N SER A 5 6.42 4.73 -9.06
CA SER A 5 5.24 4.13 -8.45
C SER A 5 5.62 3.42 -7.13
N ILE A 6 6.82 3.63 -6.63
CA ILE A 6 7.11 2.99 -5.38
C ILE A 6 7.99 3.90 -4.53
N ILE A 7 8.16 3.54 -3.26
CA ILE A 7 8.95 4.36 -2.35
C ILE A 7 10.41 4.34 -2.75
N ASN A 8 10.97 5.53 -2.97
CA ASN A 8 12.41 5.70 -3.21
C ASN A 8 13.11 6.28 -1.99
N ILE A 9 14.22 5.64 -1.69
CA ILE A 9 15.09 6.02 -0.60
C ILE A 9 16.48 6.32 -1.13
N THR A 10 16.98 7.50 -0.80
CA THR A 10 18.32 7.93 -1.21
C THR A 10 19.16 8.38 -0.03
N GLU A 11 20.35 7.83 0.14
CA GLU A 11 21.24 8.34 1.17
C GLU A 11 21.73 9.75 0.88
N LEU A 12 21.83 10.54 1.93
CA LEU A 12 22.15 11.95 1.85
C LEU A 12 23.63 12.18 2.22
N ASN A 13 24.10 13.39 1.91
CA ASN A 13 25.48 13.82 2.18
C ASN A 13 25.88 13.59 3.64
N ILE A 14 24.97 13.92 4.55
CA ILE A 14 25.18 13.63 5.97
C ILE A 14 24.86 12.17 6.16
N SER A 15 25.82 11.33 6.51
CA SER A 15 25.58 9.90 6.46
CA SER A 15 25.59 9.89 6.47
C SER A 15 24.60 9.39 7.53
N GLY A 16 23.90 8.34 7.20
CA GLY A 16 22.83 7.79 8.03
C GLY A 16 21.47 8.45 7.94
N CYS A 17 21.40 9.50 7.13
CA CYS A 17 20.23 10.25 6.83
C CYS A 17 19.83 10.06 5.39
N TYR A 18 18.51 10.03 5.19
CA TYR A 18 17.96 9.57 3.90
C TYR A 18 16.76 10.40 3.54
N LEU A 19 16.68 10.68 2.24
CA LEU A 19 15.49 11.27 1.65
C LEU A 19 14.60 10.15 1.15
N ILE A 20 13.34 10.16 1.57
CA ILE A 20 12.38 9.12 1.20
C ILE A 20 11.32 9.78 0.35
N GLU A 21 11.12 9.30 -0.85
CA GLU A 21 10.15 9.92 -1.76
C GLU A 21 9.00 8.93 -1.96
N SER A 22 7.82 9.30 -1.46
CA SER A 22 6.65 8.42 -1.51
C SER A 22 5.89 8.60 -2.83
N PRO A 23 5.33 7.49 -3.31
CA PRO A 23 4.43 7.49 -4.45
C PRO A 23 3.02 7.88 -4.05
N ILE A 24 2.20 8.16 -5.06
CA ILE A 24 0.86 8.63 -4.85
C ILE A 24 -0.02 7.87 -5.86
N PHE A 25 -1.22 7.52 -5.40
CA PHE A 25 -2.21 6.83 -6.22
C PHE A 25 -3.48 7.62 -6.00
N SER A 26 -4.22 7.80 -7.09
CA SER A 26 -5.30 8.78 -7.18
CA SER A 26 -5.36 8.69 -7.02
C SER A 26 -6.53 8.10 -7.80
N ASP A 27 -7.71 8.43 -7.34
CA ASP A 27 -8.92 8.16 -8.10
C ASP A 27 -9.93 9.20 -7.73
N GLU A 28 -11.17 8.97 -8.18
CA GLU A 28 -12.27 9.87 -7.88
C GLU A 28 -12.52 10.11 -6.38
N ARG A 29 -11.97 9.28 -5.52
CA ARG A 29 -12.21 9.47 -4.10
C ARG A 29 -11.21 10.39 -3.42
N GLY A 30 -10.01 10.48 -3.99
CA GLY A 30 -8.91 11.19 -3.36
C GLY A 30 -7.62 10.49 -3.72
N GLU A 31 -6.73 10.40 -2.72
CA GLU A 31 -5.37 9.93 -2.93
C GLU A 31 -4.94 9.08 -1.74
N PHE A 32 -3.96 8.21 -1.98
CA PHE A 32 -3.25 7.61 -0.89
C PHE A 32 -1.76 7.60 -1.23
N VAL A 33 -0.99 7.85 -0.18
CA VAL A 33 0.44 7.99 -0.24
C VAL A 33 1.09 7.00 0.73
N LYS A 34 1.91 6.13 0.17
CA LYS A 34 2.66 5.15 0.97
C LYS A 34 3.90 5.82 1.52
N THR A 35 3.95 5.93 2.84
CA THR A 35 5.07 6.49 3.58
C THR A 35 6.13 5.49 4.11
N HIS A 36 5.76 4.24 4.31
CA HIS A 36 6.66 3.23 4.84
C HIS A 36 6.28 1.84 4.39
N HIS A 37 7.30 1.04 4.08
CA HIS A 37 7.16 -0.40 3.87
C HIS A 37 8.42 -1.00 4.45
N GLN A 38 8.28 -1.98 5.35
CA GLN A 38 9.43 -2.57 6.03
C GLN A 38 10.40 -3.24 5.10
N GLU A 39 9.91 -3.86 4.03
CA GLU A 39 10.82 -4.56 3.15
C GLU A 39 11.67 -3.56 2.40
N ILE A 40 11.04 -2.54 1.83
CA ILE A 40 11.78 -1.52 1.12
C ILE A 40 12.75 -0.84 2.08
N PHE A 41 12.30 -0.48 3.28
CA PHE A 41 13.25 0.03 4.28
C PHE A 41 14.41 -0.91 4.55
N LYS A 42 14.09 -2.18 4.66
CA LYS A 42 15.12 -3.13 5.00
C LYS A 42 16.16 -3.22 3.86
N ASN A 43 15.74 -3.01 2.61
CA ASN A 43 16.62 -3.03 1.45
C ASN A 43 17.76 -2.02 1.58
N PHE A 44 17.54 -1.01 2.41
CA PHE A 44 18.55 0.00 2.69
C PHE A 44 19.13 0.00 4.07
N GLY A 45 18.89 -1.09 4.78
CA GLY A 45 19.41 -1.25 6.12
C GLY A 45 18.62 -0.56 7.22
N LEU A 46 17.42 -0.07 6.88
CA LEU A 46 16.66 0.71 7.82
C LEU A 46 15.48 0.02 8.43
N GLU A 47 15.14 0.53 9.60
CA GLU A 47 13.91 0.13 10.23
C GLU A 47 13.18 1.40 10.68
N ILE A 48 11.87 1.35 10.50
CA ILE A 48 11.01 2.45 10.91
C ILE A 48 11.12 2.73 12.42
N PRO A 49 11.39 4.00 12.78
CA PRO A 49 11.39 4.27 14.21
C PRO A 49 10.01 3.96 14.75
N SER A 50 9.96 3.21 15.84
CA SER A 50 8.66 2.79 16.33
C SER A 50 8.57 2.71 17.84
N ALA A 51 9.32 3.55 18.52
CA ALA A 51 9.12 3.64 19.98
C ALA A 51 8.10 4.71 20.37
N GLU A 52 8.00 5.76 19.58
CA GLU A 52 7.13 6.90 19.91
C GLU A 52 6.70 7.60 18.64
N GLU A 53 5.50 8.18 18.65
CA GLU A 53 5.05 9.03 17.52
C GLU A 53 4.33 10.25 18.09
N TYR A 54 4.45 11.35 17.37
CA TYR A 54 3.64 12.52 17.69
C TYR A 54 3.49 13.31 16.42
N TYR A 55 2.59 14.27 16.42
CA TYR A 55 2.50 15.16 15.27
C TYR A 55 2.33 16.56 15.81
N SER A 56 2.91 17.49 15.10
CA SER A 56 2.76 18.90 15.49
C SER A 56 2.04 19.61 14.38
N ARG A 57 1.40 20.70 14.78
CA ARG A 57 0.65 21.53 13.88
C ARG A 57 1.15 22.93 14.15
N SER A 58 1.66 23.56 13.11
CA SER A 58 2.36 24.81 13.33
C SER A 58 1.78 25.95 12.47
N LYS A 59 1.66 27.11 13.11
CA LYS A 59 1.35 28.33 12.38
C LYS A 59 2.48 28.74 11.42
N ASN A 60 2.18 29.61 10.46
CA ASN A 60 3.24 30.19 9.65
C ASN A 60 4.34 30.83 10.48
N ASN A 61 5.57 30.71 9.99
CA ASN A 61 6.77 31.39 10.51
C ASN A 61 7.27 30.90 11.89
N VAL A 62 6.82 29.72 12.29
CA VAL A 62 7.32 29.03 13.45
C VAL A 62 8.65 28.35 13.13
N ILE A 63 9.59 28.43 14.05
CA ILE A 63 10.75 27.56 14.04
C ILE A 63 10.69 26.69 15.28
N ARG A 64 10.91 25.41 15.07
CA ARG A 64 11.08 24.46 16.16
C ARG A 64 12.41 23.81 15.93
N GLY A 65 13.23 23.74 16.98
CA GLY A 65 14.48 23.01 16.98
C GLY A 65 15.54 23.85 17.64
N MET A 66 16.79 23.40 17.56
CA MET A 66 17.22 22.14 16.99
C MET A 66 17.33 21.10 18.08
N HIS A 67 16.71 19.94 17.87
CA HIS A 67 16.58 18.93 18.91
C HIS A 67 17.19 17.58 18.60
N PHE A 68 17.69 16.93 19.66
CA PHE A 68 18.20 15.57 19.59
C PHE A 68 18.17 14.97 20.97
N GLN A 69 18.26 13.65 21.08
CA GLN A 69 18.48 13.02 22.38
C GLN A 69 19.87 12.44 22.47
N GLN A 70 20.43 12.54 23.67
CA GLN A 70 21.84 12.15 23.93
CA GLN A 70 21.83 12.15 23.91
C GLN A 70 21.89 10.67 24.27
N TYR A 71 22.99 10.03 23.85
CA TYR A 71 23.35 8.66 24.20
C TYR A 71 23.20 8.53 25.69
N PRO A 72 22.69 7.40 26.18
CA PRO A 72 22.31 6.17 25.51
C PRO A 72 20.88 6.12 25.01
N ASP A 73 20.17 7.25 25.06
CA ASP A 73 18.76 7.27 24.64
C ASP A 73 18.59 8.01 23.30
N ASP A 74 19.69 8.13 22.56
CA ASP A 74 19.69 8.68 21.18
C ASP A 74 18.82 7.84 20.23
N HIS A 75 18.31 8.49 19.17
CA HIS A 75 17.32 7.80 18.38
C HIS A 75 17.30 8.24 16.92
N ASN A 76 16.82 7.32 16.11
CA ASN A 76 16.53 7.65 14.73
C ASN A 76 15.16 8.35 14.73
N LYS A 77 14.99 9.19 13.72
CA LYS A 77 13.82 10.08 13.63
C LYS A 77 13.32 10.11 12.20
N LEU A 78 12.03 9.90 12.01
CA LEU A 78 11.41 10.01 10.65
C LEU A 78 10.25 10.98 10.64
N VAL A 79 10.27 11.91 9.67
CA VAL A 79 9.28 12.96 9.55
C VAL A 79 8.75 13.06 8.13
N PHE A 80 7.44 13.32 8.04
CA PHE A 80 6.82 13.78 6.82
C PHE A 80 5.86 14.96 7.08
N CYS A 81 5.42 15.63 6.01
CA CYS A 81 4.54 16.78 6.07
C CYS A 81 3.33 16.53 5.17
N PRO A 82 2.20 16.16 5.75
CA PRO A 82 1.06 15.83 4.90
C PRO A 82 0.12 17.01 4.70
N GLU A 83 0.45 18.15 5.28
CA GLU A 83 -0.43 19.32 5.12
C GLU A 83 0.42 20.53 5.45
N GLY A 84 0.31 21.56 4.62
CA GLY A 84 1.12 22.77 4.78
C GLY A 84 2.49 22.57 4.17
N GLU A 85 3.50 23.22 4.76
CA GLU A 85 4.84 23.11 4.22
C GLU A 85 5.88 23.50 5.28
N VAL A 86 7.03 22.81 5.26
CA VAL A 86 8.15 23.19 6.11
C VAL A 86 9.42 23.16 5.30
N LEU A 87 10.41 23.87 5.79
CA LEU A 87 11.81 23.78 5.37
C LEU A 87 12.42 23.04 6.55
N ASP A 88 12.73 21.78 6.31
CA ASP A 88 13.24 20.93 7.33
C ASP A 88 14.77 21.10 7.26
N VAL A 89 15.38 21.19 8.43
CA VAL A 89 16.81 21.52 8.56
C VAL A 89 17.44 20.60 9.58
N PHE A 90 18.61 20.06 9.25
CA PHE A 90 19.28 19.20 10.22
C PHE A 90 20.81 19.40 10.17
N LEU A 91 21.42 19.20 11.34
CA LEU A 91 22.82 19.46 11.64
C LEU A 91 23.48 18.20 12.17
N ASP A 92 24.63 17.88 11.57
CA ASP A 92 25.38 16.69 12.00
C ASP A 92 26.23 17.13 13.19
N ILE A 93 25.94 16.54 14.34
CA ILE A 93 26.64 16.97 15.53
C ILE A 93 27.53 15.87 16.06
N ARG A 94 27.76 14.87 15.21
CA ARG A 94 28.55 13.69 15.57
C ARG A 94 30.01 14.02 15.39
N LYS A 95 30.79 13.94 16.46
CA LYS A 95 32.15 14.43 16.43
C LYS A 95 33.06 13.54 15.60
N ASP A 96 32.75 12.26 15.52
CA ASP A 96 33.56 11.41 14.67
C ASP A 96 33.03 11.38 13.23
N SER A 97 32.16 12.31 12.86
CA SER A 97 31.60 12.31 11.53
C SER A 97 32.41 13.16 10.57
N ASN A 98 32.57 12.67 9.35
CA ASN A 98 33.24 13.45 8.30
CA ASN A 98 33.20 13.42 8.25
C ASN A 98 32.45 14.68 7.88
N THR A 99 31.16 14.75 8.26
CA THR A 99 30.38 15.94 7.99
C THR A 99 29.95 16.66 9.26
N TYR A 100 30.63 16.41 10.38
CA TYR A 100 30.42 17.21 11.57
C TYR A 100 30.38 18.69 11.29
N GLY A 101 29.38 19.33 11.89
CA GLY A 101 29.18 20.73 11.69
C GLY A 101 28.48 21.17 10.40
N GLN A 102 28.21 20.25 9.51
CA GLN A 102 27.49 20.55 8.27
C GLN A 102 25.99 20.31 8.48
N PHE A 103 25.23 21.06 7.70
CA PHE A 103 23.76 20.95 7.71
C PHE A 103 23.21 20.78 6.29
N MET A 104 21.95 20.36 6.25
CA MET A 104 21.14 20.22 5.05
C MET A 104 19.74 20.69 5.30
N SER A 105 19.06 20.99 4.18
CA SER A 105 17.72 21.49 4.30
C SER A 105 16.91 21.02 3.09
N PHE A 106 15.64 20.77 3.35
CA PHE A 106 14.72 20.15 2.42
C PHE A 106 13.33 20.66 2.69
N ILE A 107 12.69 21.16 1.61
CA ILE A 107 11.27 21.50 1.66
C ILE A 107 10.52 20.19 1.71
N LEU A 108 9.67 20.06 2.73
CA LEU A 108 8.73 18.93 2.76
C LEU A 108 7.29 19.45 2.70
N ASN A 109 6.48 18.77 1.90
CA ASN A 109 5.10 19.16 1.78
C ASN A 109 4.34 18.03 1.13
N PRO A 110 3.01 18.16 1.12
CA PRO A 110 2.26 17.02 0.59
C PRO A 110 2.32 16.86 -0.92
N HIS A 111 2.80 17.88 -1.62
CA HIS A 111 2.98 17.76 -3.10
C HIS A 111 4.21 16.97 -3.45
N ASN A 112 5.33 17.29 -2.79
CA ASN A 112 6.55 16.53 -3.03
C ASN A 112 6.58 15.20 -2.35
N ARG A 113 5.72 15.07 -1.36
CA ARG A 113 5.63 13.80 -0.60
C ARG A 113 6.96 13.27 -0.04
N ARG A 114 7.85 14.20 0.35
CA ARG A 114 9.13 13.84 0.86
C ARG A 114 9.07 13.56 2.36
N SER A 115 9.78 12.51 2.76
CA SER A 115 10.05 12.26 4.19
C SER A 115 11.54 12.31 4.44
N ILE A 116 11.91 12.64 5.67
CA ILE A 116 13.30 12.62 6.11
C ILE A 116 13.56 11.65 7.25
N PHE A 117 14.49 10.74 7.05
CA PHE A 117 14.96 9.80 8.06
C PHE A 117 16.29 10.36 8.54
N LEU A 118 16.43 10.44 9.85
CA LEU A 118 17.62 10.98 10.46
C LEU A 118 18.24 9.95 11.42
N ALA A 119 19.57 9.85 11.32
CA ALA A 119 20.39 9.02 12.17
C ALA A 119 20.46 9.58 13.59
N LYS A 120 20.90 8.73 14.50
CA LYS A 120 21.31 9.20 15.82
C LYS A 120 22.42 10.22 15.72
N GLY A 121 22.36 11.24 16.57
CA GLY A 121 23.44 12.24 16.64
C GLY A 121 23.23 13.37 15.63
N ILE A 122 21.98 13.58 15.18
CA ILE A 122 21.64 14.66 14.26
C ILE A 122 20.63 15.54 14.97
N ALA A 123 20.88 16.86 14.89
CA ALA A 123 20.01 17.86 15.47
C ALA A 123 18.98 18.25 14.39
N HIS A 124 17.68 18.21 14.75
CA HIS A 124 16.60 18.38 13.76
C HIS A 124 15.71 19.55 14.17
N GLY A 125 15.34 20.34 13.15
CA GLY A 125 14.37 21.43 13.34
C GLY A 125 13.75 21.76 11.99
N PHE A 126 12.82 22.71 12.01
CA PHE A 126 12.12 23.09 10.79
C PHE A 126 11.55 24.47 10.99
N LEU A 127 11.27 25.10 9.84
CA LEU A 127 10.58 26.37 9.72
C LEU A 127 9.26 26.13 8.99
N SER A 128 8.14 26.45 9.63
CA SER A 128 6.83 26.34 9.05
C SER A 128 6.65 27.48 8.06
N MET A 129 6.20 27.16 6.84
CA MET A 129 5.98 28.11 5.74
C MET A 129 4.51 28.42 5.44
N LYS A 130 3.62 27.77 6.17
CA LYS A 130 2.19 27.91 5.95
C LYS A 130 1.50 27.64 7.23
N ASP A 131 0.37 28.30 7.42
CA ASP A 131 -0.44 27.94 8.55
C ASP A 131 -0.92 26.49 8.38
N ASN A 132 -1.37 25.98 9.53
CA ASN A 132 -1.87 24.62 9.73
C ASN A 132 -0.88 23.59 9.13
N THR A 133 0.40 23.69 9.46
CA THR A 133 1.37 22.77 8.87
C THR A 133 1.53 21.60 9.84
N LEU A 134 1.39 20.40 9.29
CA LEU A 134 1.43 19.16 10.00
C LEU A 134 2.78 18.50 9.75
N ILE A 135 3.44 18.15 10.84
CA ILE A 135 4.58 17.23 10.84
C ILE A 135 4.26 16.02 11.67
N VAL A 136 4.39 14.85 11.05
CA VAL A 136 4.27 13.56 11.74
C VAL A 136 5.65 13.02 11.96
N CYS A 137 5.94 12.72 13.22
CA CYS A 137 7.28 12.39 13.62
C CYS A 137 7.30 11.09 14.41
N LYS A 138 8.26 10.25 14.06
CA LYS A 138 8.49 9.00 14.77
C LYS A 138 9.90 8.95 15.30
N THR A 139 10.08 8.35 16.49
CA THR A 139 11.44 8.19 17.08
C THR A 139 11.62 6.77 17.50
N SER A 140 12.87 6.32 17.48
CA SER A 140 13.20 4.92 17.77
C SER A 140 13.45 4.64 19.25
N THR A 141 13.58 5.67 20.08
CA THR A 141 13.44 5.56 21.53
C THR A 141 12.44 6.58 21.99
N VAL A 142 11.86 6.33 23.17
CA VAL A 142 10.87 7.26 23.70
C VAL A 142 11.55 8.50 24.25
N HIS A 143 10.77 9.55 24.41
CA HIS A 143 11.25 10.80 24.97
C HIS A 143 11.91 10.54 26.30
N SER A 144 13.08 11.13 26.47
CA SER A 144 13.87 10.96 27.71
C SER A 144 14.26 12.37 28.15
N PRO A 145 13.47 12.97 29.07
CA PRO A 145 13.77 14.37 29.41
C PRO A 145 15.18 14.69 29.92
N SER A 146 15.86 13.69 30.48
CA SER A 146 17.23 13.79 31.01
CA SER A 146 17.23 13.83 31.01
C SER A 146 18.25 13.88 29.88
N ARG A 147 17.91 13.29 28.73
CA ARG A 147 18.78 13.24 27.56
C ARG A 147 18.32 14.12 26.45
N ASP A 148 17.19 14.77 26.66
CA ASP A 148 16.62 15.66 25.67
C ASP A 148 17.45 16.92 25.61
N SER A 149 17.89 17.28 24.43
CA SER A 149 18.83 18.35 24.34
C SER A 149 18.66 19.08 23.03
N GLY A 150 19.50 20.08 22.84
CA GLY A 150 19.27 20.92 21.65
C GLY A 150 20.42 21.80 21.31
N ILE A 151 20.36 22.35 20.11
CA ILE A 151 21.35 23.32 19.66
C ILE A 151 20.56 24.47 19.11
N HIS A 152 21.10 25.66 19.31
CA HIS A 152 20.32 26.87 19.14
C HIS A 152 20.14 27.04 17.63
N TRP A 153 18.91 27.36 17.22
CA TRP A 153 18.55 27.52 15.78
C TRP A 153 19.35 28.54 15.01
N ASN A 154 19.81 29.57 15.69
CA ASN A 154 20.54 30.64 15.00
C ASN A 154 22.07 30.54 15.13
N SER A 155 22.59 29.36 15.47
CA SER A 155 23.97 29.25 15.98
C SER A 155 24.89 28.40 15.11
N PHE A 156 24.39 27.92 13.97
CA PHE A 156 25.15 27.00 13.17
C PHE A 156 25.37 27.36 11.69
N GLY A 157 25.18 28.61 11.34
CA GLY A 157 25.48 29.07 9.97
C GLY A 157 24.29 29.27 9.05
N PHE A 158 23.14 28.71 9.43
CA PHE A 158 21.93 28.74 8.62
C PHE A 158 21.23 30.07 8.46
N LYS A 159 20.86 30.36 7.22
CA LYS A 159 20.15 31.58 6.91
C LYS A 159 18.69 31.26 6.80
N TRP A 160 17.97 31.39 7.90
CA TRP A 160 16.53 31.02 7.89
C TRP A 160 15.79 32.07 7.10
N PRO A 161 15.01 31.65 6.08
CA PRO A 161 14.26 32.56 5.18
C PRO A 161 12.99 33.05 5.85
N VAL A 162 13.17 33.70 6.99
CA VAL A 162 12.08 34.22 7.78
C VAL A 162 12.53 35.44 8.59
N GLU A 163 11.64 36.39 8.80
CA GLU A 163 11.85 37.54 9.69
C GLU A 163 10.87 37.37 10.83
N ASN A 164 11.37 37.56 12.04
CA ASN A 164 10.52 37.48 13.24
C ASN A 164 9.86 36.15 13.38
N PRO A 165 10.67 35.11 13.32
CA PRO A 165 10.05 33.77 13.53
C PRO A 165 9.43 33.64 14.92
N ILE A 166 8.48 32.71 15.08
CA ILE A 166 7.86 32.45 16.35
C ILE A 166 8.51 31.20 16.93
N ILE A 167 9.13 31.34 18.11
CA ILE A 167 10.04 30.34 18.67
C ILE A 167 9.76 30.30 20.16
N SER A 168 9.65 29.11 20.71
CA SER A 168 9.47 28.92 22.14
C SER A 168 10.59 29.52 22.99
N ASP A 169 10.28 29.85 24.24
CA ASP A 169 11.34 30.28 25.14
C ASP A 169 12.43 29.25 25.26
N LYS A 170 12.06 27.98 25.41
CA LYS A 170 13.07 26.94 25.50
C LYS A 170 14.00 26.98 24.33
N ASP A 171 13.43 26.97 23.14
CA ASP A 171 14.24 26.90 21.94
C ASP A 171 15.08 28.18 21.79
N ARG A 172 14.53 29.30 22.25
CA ARG A 172 15.29 30.55 22.17
C ARG A 172 16.57 30.56 23.01
N ASN A 173 16.65 29.68 24.00
CA ASN A 173 17.78 29.65 24.95
C ASN A 173 18.60 28.39 24.98
N LEU A 174 18.51 27.59 23.93
CA LEU A 174 19.41 26.45 23.77
C LEU A 174 20.86 26.90 23.60
N ASP A 175 21.79 26.02 24.00
CA ASP A 175 23.21 26.27 23.87
C ASP A 175 23.52 26.45 22.37
N CYS A 176 24.39 27.42 22.08
CA CYS A 176 24.94 27.57 20.74
C CYS A 176 25.80 26.43 20.29
N PHE A 177 25.79 26.10 19.00
CA PHE A 177 26.64 25.02 18.49
C PHE A 177 28.10 25.46 18.54
N SER B 5 -17.75 -29.74 -37.51
CA SER B 5 -16.63 -30.50 -38.13
C SER B 5 -15.48 -29.65 -38.70
N ILE B 6 -15.53 -28.33 -38.53
CA ILE B 6 -14.40 -27.49 -38.95
C ILE B 6 -13.98 -26.71 -37.72
N ILE B 7 -12.76 -26.19 -37.77
CA ILE B 7 -12.26 -25.27 -36.77
C ILE B 7 -13.01 -23.97 -36.94
N ASN B 8 -13.70 -23.59 -35.87
CA ASN B 8 -14.42 -22.32 -35.79
C ASN B 8 -13.63 -21.30 -34.99
N ILE B 9 -13.58 -20.09 -35.50
CA ILE B 9 -12.78 -19.06 -34.87
C ILE B 9 -13.67 -17.86 -34.62
N THR B 10 -13.63 -17.37 -33.39
CA THR B 10 -14.48 -16.28 -32.99
C THR B 10 -13.63 -15.21 -32.33
N GLU B 11 -13.67 -13.98 -32.85
CA GLU B 11 -13.01 -12.86 -32.21
C GLU B 11 -13.72 -12.56 -30.94
N LEU B 12 -12.91 -12.24 -29.96
CA LEU B 12 -13.42 -11.91 -28.68
C LEU B 12 -13.47 -10.40 -28.52
N ASN B 13 -14.24 -10.06 -27.50
CA ASN B 13 -14.42 -8.73 -26.94
C ASN B 13 -13.13 -7.97 -26.73
N ILE B 14 -12.13 -8.66 -26.20
CA ILE B 14 -10.79 -8.15 -26.15
C ILE B 14 -10.09 -8.36 -27.49
N SER B 15 -9.80 -7.25 -28.12
CA SER B 15 -9.52 -7.30 -29.55
CA SER B 15 -9.47 -7.22 -29.55
C SER B 15 -8.18 -7.97 -29.80
N GLY B 16 -8.13 -8.73 -30.88
CA GLY B 16 -6.92 -9.48 -31.19
C GLY B 16 -6.86 -10.79 -30.42
N CYS B 17 -7.82 -11.06 -29.54
CA CYS B 17 -7.96 -12.35 -28.91
C CYS B 17 -9.16 -13.11 -29.49
N TYR B 18 -9.01 -14.45 -29.50
CA TYR B 18 -9.96 -15.31 -30.21
C TYR B 18 -10.14 -16.63 -29.50
N LEU B 19 -11.38 -17.11 -29.57
CA LEU B 19 -11.81 -18.43 -29.12
C LEU B 19 -11.82 -19.30 -30.36
N ILE B 20 -11.15 -20.44 -30.25
CA ILE B 20 -10.98 -21.36 -31.35
C ILE B 20 -11.62 -22.65 -30.87
N GLU B 21 -12.64 -23.11 -31.57
CA GLU B 21 -13.31 -24.33 -31.19
C GLU B 21 -13.00 -25.42 -32.25
N SER B 22 -12.39 -26.48 -31.77
CA SER B 22 -11.87 -27.52 -32.65
C SER B 22 -12.92 -28.59 -32.83
N PRO B 23 -13.04 -29.13 -34.05
CA PRO B 23 -13.88 -30.31 -34.35
C PRO B 23 -13.23 -31.62 -33.89
N ILE B 24 -14.06 -32.64 -33.71
CA ILE B 24 -13.59 -33.96 -33.27
C ILE B 24 -14.17 -35.05 -34.18
N PHE B 25 -13.39 -36.11 -34.41
CA PHE B 25 -13.86 -37.27 -35.15
C PHE B 25 -13.56 -38.47 -34.24
N SER B 26 -14.56 -39.33 -34.00
CA SER B 26 -14.40 -40.45 -33.04
C SER B 26 -14.65 -41.81 -33.67
N ASP B 27 -14.04 -42.84 -33.09
CA ASP B 27 -14.18 -44.22 -33.60
C ASP B 27 -13.77 -45.14 -32.49
N GLU B 28 -13.64 -46.42 -32.78
CA GLU B 28 -13.28 -47.40 -31.73
C GLU B 28 -11.87 -47.24 -31.19
N ARG B 29 -10.96 -46.64 -31.94
CA ARG B 29 -9.59 -46.41 -31.45
C ARG B 29 -9.48 -45.25 -30.45
N GLY B 30 -10.40 -44.29 -30.61
CA GLY B 30 -10.42 -43.09 -29.79
C GLY B 30 -10.83 -41.91 -30.64
N GLU B 31 -10.09 -40.81 -30.50
CA GLU B 31 -10.48 -39.57 -31.13
C GLU B 31 -9.28 -38.84 -31.74
N PHE B 32 -9.64 -37.87 -32.56
CA PHE B 32 -8.74 -37.04 -33.35
C PHE B 32 -9.33 -35.64 -33.30
N VAL B 33 -8.54 -34.67 -32.85
CA VAL B 33 -8.98 -33.28 -32.64
C VAL B 33 -8.05 -32.41 -33.46
N LYS B 34 -8.60 -31.53 -34.29
CA LYS B 34 -7.80 -30.62 -35.10
C LYS B 34 -7.66 -29.26 -34.39
N THR B 35 -6.44 -28.88 -34.01
CA THR B 35 -6.18 -27.64 -33.25
C THR B 35 -5.72 -26.47 -34.08
N HIS B 36 -5.13 -26.74 -35.24
CA HIS B 36 -4.64 -25.65 -36.08
C HIS B 36 -4.69 -26.05 -37.54
N HIS B 37 -4.99 -25.10 -38.41
CA HIS B 37 -4.90 -25.29 -39.84
C HIS B 37 -4.59 -23.89 -40.36
N GLN B 38 -3.53 -23.77 -41.14
CA GLN B 38 -3.05 -22.42 -41.45
C GLN B 38 -4.02 -21.65 -42.31
N GLU B 39 -4.77 -22.32 -43.19
CA GLU B 39 -5.61 -21.55 -44.10
C GLU B 39 -6.78 -20.93 -43.32
N ILE B 40 -7.30 -21.70 -42.39
CA ILE B 40 -8.44 -21.30 -41.57
C ILE B 40 -8.04 -20.15 -40.64
N PHE B 41 -6.90 -20.30 -40.00
CA PHE B 41 -6.34 -19.19 -39.23
C PHE B 41 -6.12 -17.97 -40.12
N LYS B 42 -5.56 -18.17 -41.32
CA LYS B 42 -5.34 -17.06 -42.24
C LYS B 42 -6.64 -16.38 -42.63
N ASN B 43 -7.73 -17.15 -42.66
CA ASN B 43 -9.06 -16.61 -42.89
C ASN B 43 -9.39 -15.49 -41.90
N PHE B 44 -8.77 -15.50 -40.72
CA PHE B 44 -9.04 -14.48 -39.70
C PHE B 44 -7.84 -13.59 -39.46
N GLY B 45 -6.94 -13.57 -40.43
CA GLY B 45 -5.72 -12.80 -40.34
C GLY B 45 -4.66 -13.35 -39.40
N LEU B 46 -4.87 -14.56 -38.88
CA LEU B 46 -3.94 -15.11 -37.87
C LEU B 46 -2.91 -16.06 -38.48
N GLU B 47 -1.74 -16.08 -37.83
CA GLU B 47 -0.77 -17.16 -37.97
C GLU B 47 -0.50 -17.85 -36.61
N ILE B 48 -0.26 -19.16 -36.65
CA ILE B 48 0.03 -19.86 -35.44
C ILE B 48 1.38 -19.37 -34.88
N PRO B 49 1.41 -19.07 -33.58
CA PRO B 49 2.68 -18.80 -32.89
C PRO B 49 3.59 -20.01 -33.07
N SER B 50 4.81 -19.75 -33.54
CA SER B 50 5.68 -20.81 -33.94
C SER B 50 7.15 -20.52 -33.58
N ALA B 51 7.37 -19.59 -32.64
CA ALA B 51 8.71 -19.37 -32.07
C ALA B 51 9.08 -20.34 -30.94
N GLU B 52 8.12 -20.74 -30.13
CA GLU B 52 8.41 -21.60 -29.02
C GLU B 52 7.17 -22.36 -28.63
N GLU B 53 7.36 -23.51 -28.01
CA GLU B 53 6.28 -24.29 -27.47
C GLU B 53 6.78 -24.96 -26.20
N TYR B 54 5.89 -25.06 -25.23
CA TYR B 54 6.12 -25.81 -23.98
C TYR B 54 4.78 -26.32 -23.54
N TYR B 55 4.75 -27.34 -22.69
CA TYR B 55 3.53 -27.63 -21.98
C TYR B 55 3.85 -27.70 -20.49
N SER B 56 2.80 -27.56 -19.70
CA SER B 56 2.89 -27.60 -18.25
C SER B 56 1.82 -28.59 -17.80
N ARG B 57 2.07 -29.18 -16.64
CA ARG B 57 1.21 -30.18 -16.06
C ARG B 57 1.04 -29.70 -14.63
N SER B 58 -0.18 -29.55 -14.21
CA SER B 58 -0.44 -28.78 -13.00
C SER B 58 -1.23 -29.64 -12.05
N LYS B 59 -0.89 -29.64 -10.76
CA LYS B 59 -1.78 -30.27 -9.81
C LYS B 59 -2.99 -29.37 -9.70
N ASN B 60 -4.05 -29.88 -9.10
CA ASN B 60 -5.27 -29.10 -8.93
C ASN B 60 -5.04 -27.90 -7.98
N ASN B 61 -5.85 -26.88 -8.17
CA ASN B 61 -5.73 -25.61 -7.44
C ASN B 61 -4.41 -24.85 -7.61
N VAL B 62 -3.73 -25.07 -8.73
CA VAL B 62 -2.51 -24.34 -8.99
C VAL B 62 -2.99 -23.09 -9.74
N ILE B 63 -2.31 -21.96 -9.49
CA ILE B 63 -2.41 -20.78 -10.38
C ILE B 63 -1.06 -20.43 -10.95
N ARG B 64 -1.06 -20.19 -12.25
CA ARG B 64 0.12 -19.65 -12.89
C ARG B 64 -0.35 -18.42 -13.64
N GLY B 65 0.32 -17.34 -13.37
CA GLY B 65 0.14 -16.12 -14.10
C GLY B 65 0.38 -14.96 -13.16
N MET B 66 0.03 -13.78 -13.61
CA MET B 66 -0.44 -13.49 -14.96
C MET B 66 0.84 -13.04 -15.67
N HIS B 67 1.09 -13.56 -16.88
CA HIS B 67 2.34 -13.35 -17.56
C HIS B 67 2.17 -12.76 -18.95
N PHE B 68 3.19 -11.99 -19.34
CA PHE B 68 3.34 -11.44 -20.68
C PHE B 68 4.79 -11.05 -20.89
N GLN B 69 5.18 -10.87 -22.14
CA GLN B 69 6.48 -10.29 -22.44
C GLN B 69 6.31 -8.87 -22.96
N GLN B 70 7.21 -7.98 -22.55
CA GLN B 70 7.19 -6.62 -23.05
C GLN B 70 7.91 -6.43 -24.37
N TYR B 71 7.48 -5.36 -25.04
CA TYR B 71 8.09 -4.87 -26.26
C TYR B 71 9.57 -4.68 -25.95
N PRO B 72 10.46 -4.99 -26.91
CA PRO B 72 10.16 -5.41 -28.27
C PRO B 72 9.88 -6.93 -28.45
N ASP B 73 9.68 -7.68 -27.37
CA ASP B 73 9.69 -9.15 -27.45
C ASP B 73 8.29 -9.71 -27.13
N ASP B 74 7.31 -8.83 -27.24
CA ASP B 74 5.92 -9.18 -26.92
C ASP B 74 5.48 -10.16 -28.02
N HIS B 75 4.49 -11.00 -27.68
CA HIS B 75 4.16 -12.10 -28.54
C HIS B 75 2.72 -12.49 -28.39
N ASN B 76 2.22 -13.09 -29.47
CA ASN B 76 0.98 -13.80 -29.45
C ASN B 76 1.20 -15.13 -28.78
N LYS B 77 0.15 -15.62 -28.13
CA LYS B 77 0.19 -16.86 -27.40
C LYS B 77 -1.03 -17.71 -27.76
N LEU B 78 -0.85 -19.04 -27.88
CA LEU B 78 -1.97 -19.94 -28.18
C LEU B 78 -1.95 -21.12 -27.24
N VAL B 79 -3.07 -21.38 -26.57
CA VAL B 79 -3.12 -22.46 -25.59
C VAL B 79 -4.34 -23.36 -25.78
N PHE B 80 -4.20 -24.59 -25.28
CA PHE B 80 -5.26 -25.56 -25.23
C PHE B 80 -4.95 -26.58 -24.16
N CYS B 81 -6.01 -27.24 -23.71
CA CYS B 81 -6.03 -28.12 -22.58
C CYS B 81 -6.50 -29.49 -23.08
N PRO B 82 -5.55 -30.39 -23.39
CA PRO B 82 -5.99 -31.68 -23.90
C PRO B 82 -6.21 -32.72 -22.81
N GLU B 83 -5.98 -32.33 -21.56
CA GLU B 83 -6.19 -33.25 -20.46
C GLU B 83 -6.42 -32.45 -19.16
N GLY B 84 -7.43 -32.88 -18.40
CA GLY B 84 -7.78 -32.19 -17.15
C GLY B 84 -8.55 -30.93 -17.50
N GLU B 85 -8.21 -29.81 -16.85
CA GLU B 85 -9.06 -28.65 -17.02
C GLU B 85 -8.48 -27.41 -16.35
N VAL B 86 -8.65 -26.28 -17.02
CA VAL B 86 -8.29 -24.98 -16.45
C VAL B 86 -9.42 -23.99 -16.60
N LEU B 87 -9.39 -22.99 -15.74
CA LEU B 87 -10.10 -21.76 -16.01
C LEU B 87 -9.05 -20.80 -16.53
N ASP B 88 -9.11 -20.53 -17.83
CA ASP B 88 -8.11 -19.69 -18.44
C ASP B 88 -8.61 -18.25 -18.36
N VAL B 89 -7.71 -17.34 -18.02
CA VAL B 89 -7.99 -15.98 -17.62
C VAL B 89 -6.99 -15.05 -18.28
N PHE B 90 -7.49 -14.00 -18.93
CA PHE B 90 -6.57 -13.05 -19.47
C PHE B 90 -6.99 -11.59 -19.27
N LEU B 91 -6.00 -10.71 -19.14
CA LEU B 91 -6.24 -9.31 -18.88
C LEU B 91 -5.66 -8.47 -19.99
N ASP B 92 -6.43 -7.50 -20.47
CA ASP B 92 -5.93 -6.55 -21.45
C ASP B 92 -5.15 -5.44 -20.74
N ILE B 93 -3.85 -5.39 -20.95
CA ILE B 93 -3.02 -4.29 -20.44
C ILE B 93 -2.44 -3.37 -21.51
N ARG B 94 -3.13 -3.27 -22.65
CA ARG B 94 -2.70 -2.37 -23.70
C ARG B 94 -3.32 -1.00 -23.38
N LYS B 95 -2.46 -0.03 -23.08
CA LYS B 95 -2.98 1.19 -22.50
C LYS B 95 -3.80 1.99 -23.51
N ASP B 96 -3.43 1.91 -24.77
CA ASP B 96 -4.29 2.49 -25.79
C ASP B 96 -5.44 1.58 -26.24
N SER B 97 -5.73 0.49 -25.51
CA SER B 97 -6.86 -0.32 -25.92
C SER B 97 -8.16 0.13 -25.29
N ASN B 98 -9.23 0.03 -26.08
CA ASN B 98 -10.59 0.28 -25.56
C ASN B 98 -10.98 -0.63 -24.40
N THR B 99 -10.36 -1.80 -24.24
CA THR B 99 -10.81 -2.68 -23.16
C THR B 99 -9.70 -2.81 -22.16
N TYR B 100 -8.84 -1.82 -22.12
CA TYR B 100 -7.76 -1.78 -21.12
C TYR B 100 -8.31 -2.00 -19.73
N GLY B 101 -7.70 -2.92 -19.01
CA GLY B 101 -8.13 -3.22 -17.65
C GLY B 101 -9.21 -4.28 -17.60
N GLN B 102 -9.76 -4.67 -18.74
CA GLN B 102 -10.85 -5.63 -18.75
C GLN B 102 -10.26 -7.04 -18.97
N PHE B 103 -10.99 -8.06 -18.52
CA PHE B 103 -10.51 -9.42 -18.57
C PHE B 103 -11.66 -10.35 -19.00
N MET B 104 -11.30 -11.57 -19.39
CA MET B 104 -12.26 -12.61 -19.73
C MET B 104 -11.76 -13.93 -19.17
N SER B 105 -12.63 -14.92 -19.13
CA SER B 105 -12.18 -16.22 -18.68
C SER B 105 -13.00 -17.30 -19.40
N PHE B 106 -12.38 -18.47 -19.53
CA PHE B 106 -12.93 -19.58 -20.30
C PHE B 106 -12.39 -20.86 -19.72
N ILE B 107 -13.28 -21.80 -19.48
CA ILE B 107 -12.87 -23.11 -19.05
C ILE B 107 -12.35 -23.79 -20.33
N LEU B 108 -11.15 -24.35 -20.25
CA LEU B 108 -10.61 -25.12 -21.38
C LEU B 108 -10.43 -26.55 -20.91
N ASN B 109 -10.92 -27.49 -21.71
CA ASN B 109 -10.63 -28.89 -21.46
C ASN B 109 -10.81 -29.76 -22.68
N PRO B 110 -10.51 -31.06 -22.56
CA PRO B 110 -10.68 -31.88 -23.77
C PRO B 110 -12.09 -32.07 -24.31
N HIS B 111 -13.15 -31.84 -23.53
CA HIS B 111 -14.50 -31.97 -24.09
C HIS B 111 -14.97 -30.80 -24.86
N ASN B 112 -14.64 -29.60 -24.38
CA ASN B 112 -15.05 -28.47 -25.16
C ASN B 112 -14.07 -28.18 -26.27
N ARG B 113 -12.88 -28.74 -26.16
CA ARG B 113 -11.84 -28.62 -27.22
C ARG B 113 -11.50 -27.18 -27.55
N ARG B 114 -11.51 -26.31 -26.53
CA ARG B 114 -11.25 -24.89 -26.80
C ARG B 114 -9.77 -24.57 -26.75
N SER B 115 -9.34 -23.73 -27.68
CA SER B 115 -8.07 -23.09 -27.63
C SER B 115 -8.33 -21.61 -27.45
N ILE B 116 -7.34 -20.94 -26.89
CA ILE B 116 -7.39 -19.47 -26.76
C ILE B 116 -6.17 -18.84 -27.42
N PHE B 117 -6.42 -17.93 -28.36
CA PHE B 117 -5.35 -17.18 -29.01
C PHE B 117 -5.33 -15.76 -28.42
N LEU B 118 -4.17 -15.36 -27.95
CA LEU B 118 -3.99 -14.05 -27.32
C LEU B 118 -3.06 -13.14 -28.10
N ALA B 119 -3.48 -11.89 -28.26
CA ALA B 119 -2.62 -10.90 -28.91
C ALA B 119 -1.49 -10.48 -27.94
N LYS B 120 -0.51 -9.80 -28.52
CA LYS B 120 0.45 -9.00 -27.81
C LYS B 120 -0.26 -8.03 -26.88
N GLY B 121 0.33 -7.84 -25.69
CA GLY B 121 -0.13 -6.91 -24.66
C GLY B 121 -1.28 -7.42 -23.83
N ILE B 122 -1.37 -8.75 -23.76
CA ILE B 122 -2.32 -9.44 -22.94
C ILE B 122 -1.59 -10.28 -21.91
N ALA B 123 -2.05 -10.15 -20.68
CA ALA B 123 -1.51 -10.91 -19.56
C ALA B 123 -2.38 -12.17 -19.37
N HIS B 124 -1.71 -13.32 -19.29
CA HIS B 124 -2.37 -14.63 -19.27
C HIS B 124 -2.05 -15.43 -18.00
N GLY B 125 -3.05 -16.13 -17.47
CA GLY B 125 -2.83 -17.06 -16.34
C GLY B 125 -3.91 -18.11 -16.41
N PHE B 126 -3.82 -19.13 -15.57
CA PHE B 126 -4.97 -20.01 -15.40
C PHE B 126 -4.93 -20.65 -14.01
N LEU B 127 -6.06 -21.22 -13.61
CA LEU B 127 -6.16 -21.99 -12.40
C LEU B 127 -6.46 -23.41 -12.88
N SER B 128 -5.62 -24.33 -12.43
CA SER B 128 -5.77 -25.74 -12.70
C SER B 128 -6.85 -26.27 -11.77
N MET B 129 -7.81 -26.97 -12.38
CA MET B 129 -8.99 -27.48 -11.70
C MET B 129 -9.03 -28.99 -11.50
N LYS B 130 -7.97 -29.66 -11.95
CA LYS B 130 -7.87 -31.11 -11.84
C LYS B 130 -6.40 -31.41 -11.79
N ASP B 131 -6.05 -32.48 -11.08
CA ASP B 131 -4.66 -32.92 -11.06
C ASP B 131 -4.34 -33.39 -12.49
N ASN B 132 -3.04 -33.46 -12.82
CA ASN B 132 -2.61 -33.86 -14.17
C ASN B 132 -3.29 -33.04 -15.28
N THR B 133 -3.33 -31.72 -15.10
CA THR B 133 -3.95 -30.86 -16.11
C THR B 133 -2.80 -30.35 -16.97
N LEU B 134 -2.93 -30.59 -18.27
CA LEU B 134 -1.90 -30.22 -19.25
C LEU B 134 -2.40 -28.98 -19.98
N ILE B 135 -1.50 -28.02 -20.19
CA ILE B 135 -1.76 -26.87 -21.08
C ILE B 135 -0.63 -26.90 -22.08
N VAL B 136 -0.94 -26.90 -23.36
CA VAL B 136 0.09 -26.75 -24.39
C VAL B 136 0.02 -25.33 -24.92
N CYS B 137 1.18 -24.69 -25.07
CA CYS B 137 1.28 -23.26 -25.25
C CYS B 137 2.31 -22.93 -26.29
N LYS B 138 1.95 -22.04 -27.22
CA LYS B 138 2.88 -21.63 -28.24
C LYS B 138 2.98 -20.11 -28.16
N THR B 139 4.18 -19.55 -28.33
CA THR B 139 4.37 -18.10 -28.40
C THR B 139 5.05 -17.73 -29.70
N SER B 140 4.80 -16.51 -30.16
CA SER B 140 5.31 -16.04 -31.43
C SER B 140 6.67 -15.37 -31.38
N THR B 141 7.20 -15.18 -30.20
CA THR B 141 8.64 -14.97 -30.01
C THR B 141 9.11 -15.89 -28.89
N VAL B 142 10.41 -16.12 -28.79
CA VAL B 142 10.91 -17.07 -27.79
C VAL B 142 10.95 -16.29 -26.47
N HIS B 143 11.05 -17.02 -25.36
CA HIS B 143 11.12 -16.42 -24.03
C HIS B 143 12.32 -15.46 -24.02
N SER B 144 12.01 -14.27 -23.50
CA SER B 144 12.94 -13.18 -23.33
C SER B 144 13.08 -12.90 -21.82
N PRO B 145 14.09 -13.47 -21.15
CA PRO B 145 14.15 -13.18 -19.73
C PRO B 145 14.25 -11.67 -19.39
N SER B 146 14.84 -10.88 -20.27
CA SER B 146 14.98 -9.46 -20.00
CA SER B 146 15.01 -9.45 -20.04
C SER B 146 13.65 -8.72 -20.07
N ARG B 147 12.68 -9.28 -20.81
CA ARG B 147 11.37 -8.64 -20.97
C ARG B 147 10.21 -9.42 -20.43
N ASP B 148 10.48 -10.49 -19.71
CA ASP B 148 9.46 -11.34 -19.17
C ASP B 148 8.95 -10.63 -17.95
N SER B 149 7.64 -10.53 -17.85
CA SER B 149 6.98 -9.68 -16.92
C SER B 149 5.67 -10.28 -16.47
N GLY B 150 4.96 -9.60 -15.60
CA GLY B 150 3.72 -10.15 -15.12
C GLY B 150 2.90 -9.27 -14.21
N ILE B 151 1.71 -9.75 -13.88
CA ILE B 151 0.75 -9.02 -13.04
C ILE B 151 0.19 -9.95 -11.97
N HIS B 152 0.05 -9.45 -10.75
CA HIS B 152 -0.37 -10.29 -9.66
C HIS B 152 -1.80 -10.82 -9.93
N TRP B 153 -1.94 -12.09 -9.67
CA TRP B 153 -3.12 -12.83 -10.06
C TRP B 153 -4.36 -12.30 -9.36
N ASN B 154 -4.18 -11.76 -8.16
CA ASN B 154 -5.35 -11.31 -7.42
C ASN B 154 -5.50 -9.80 -7.40
N SER B 155 -4.96 -9.14 -8.41
CA SER B 155 -4.86 -7.69 -8.35
C SER B 155 -5.59 -6.96 -9.46
N PHE B 156 -6.42 -7.65 -10.23
CA PHE B 156 -7.04 -6.97 -11.37
C PHE B 156 -8.55 -7.13 -11.44
N GLY B 157 -9.17 -7.47 -10.33
CA GLY B 157 -10.61 -7.47 -10.24
C GLY B 157 -11.29 -8.79 -10.47
N PHE B 158 -10.55 -9.84 -10.85
CA PHE B 158 -11.14 -11.17 -11.10
C PHE B 158 -11.39 -11.92 -9.81
N LYS B 159 -12.52 -12.63 -9.71
CA LYS B 159 -12.82 -13.46 -8.54
C LYS B 159 -12.44 -14.90 -8.79
N TRP B 160 -11.24 -15.30 -8.40
CA TRP B 160 -10.80 -16.66 -8.72
C TRP B 160 -11.50 -17.65 -7.80
N PRO B 161 -12.22 -18.63 -8.37
CA PRO B 161 -12.97 -19.61 -7.57
C PRO B 161 -12.09 -20.66 -6.93
N VAL B 162 -11.23 -20.24 -6.00
CA VAL B 162 -10.41 -21.16 -5.22
C VAL B 162 -10.07 -20.48 -3.90
N GLU B 163 -9.85 -21.27 -2.87
CA GLU B 163 -9.21 -20.81 -1.65
C GLU B 163 -7.83 -21.43 -1.55
N ASN B 164 -6.84 -20.62 -1.16
CA ASN B 164 -5.50 -21.14 -0.88
C ASN B 164 -4.81 -21.80 -2.07
N PRO B 165 -4.85 -21.14 -3.23
CA PRO B 165 -4.29 -21.70 -4.45
C PRO B 165 -2.82 -21.96 -4.24
N ILE B 166 -2.21 -22.81 -5.06
CA ILE B 166 -0.81 -23.09 -4.91
C ILE B 166 -0.07 -22.24 -5.93
N ILE B 167 0.84 -21.38 -5.50
CA ILE B 167 1.42 -20.38 -6.42
C ILE B 167 2.91 -20.19 -6.16
N SER B 168 3.65 -20.00 -7.26
CA SER B 168 5.09 -19.84 -7.15
C SER B 168 5.44 -18.54 -6.44
N ASP B 169 6.55 -18.57 -5.70
CA ASP B 169 7.13 -17.33 -5.19
C ASP B 169 7.25 -16.25 -6.27
N LYS B 170 7.76 -16.58 -7.46
CA LYS B 170 7.88 -15.54 -8.46
C LYS B 170 6.49 -14.93 -8.69
N ASP B 171 5.50 -15.79 -8.84
CA ASP B 171 4.14 -15.33 -9.13
C ASP B 171 3.50 -14.55 -7.99
N ARG B 172 3.69 -14.99 -6.76
CA ARG B 172 3.26 -14.22 -5.58
C ARG B 172 3.89 -12.85 -5.44
N ASN B 173 5.10 -12.67 -5.97
CA ASN B 173 5.77 -11.37 -5.91
C ASN B 173 5.64 -10.47 -7.11
N LEU B 174 4.76 -10.81 -8.05
CA LEU B 174 4.47 -9.93 -9.18
C LEU B 174 3.78 -8.63 -8.75
N ASP B 175 4.05 -7.57 -9.50
CA ASP B 175 3.40 -6.28 -9.29
C ASP B 175 1.89 -6.39 -9.41
N CYS B 176 1.18 -5.69 -8.53
CA CYS B 176 -0.26 -5.50 -8.73
C CYS B 176 -0.53 -4.63 -9.94
N PHE B 177 -1.64 -4.92 -10.62
CA PHE B 177 -2.10 -4.14 -11.77
C PHE B 177 -2.60 -2.77 -11.31
N HIS C 2 -7.64 9.72 35.82
CA HIS C 2 -6.80 9.53 34.61
C HIS C 2 -6.19 10.90 34.26
N MET C 3 -4.89 10.93 33.99
CA MET C 3 -4.19 12.18 33.69
C MET C 3 -4.28 12.60 32.22
N ALA C 4 -4.74 13.84 31.96
CA ALA C 4 -4.98 14.30 30.59
C ALA C 4 -3.69 14.69 29.84
N SER C 5 -2.59 14.65 30.58
CA SER C 5 -1.25 14.83 30.04
C SER C 5 -0.66 13.64 29.23
N ILE C 6 -1.18 12.43 29.40
CA ILE C 6 -0.63 11.30 28.66
C ILE C 6 -1.64 10.64 27.72
N ILE C 7 -1.14 9.71 26.91
CA ILE C 7 -2.02 8.90 26.06
C ILE C 7 -2.83 8.00 26.97
N ASN C 8 -4.13 7.96 26.71
CA ASN C 8 -5.04 7.10 27.45
C ASN C 8 -5.67 6.09 26.51
N ILE C 9 -5.70 4.85 26.96
CA ILE C 9 -6.21 3.77 26.14
C ILE C 9 -7.35 2.99 26.81
N THR C 10 -8.42 2.78 26.06
CA THR C 10 -9.68 2.18 26.52
C THR C 10 -9.84 0.96 25.61
N GLU C 11 -9.75 -0.25 26.14
CA GLU C 11 -10.19 -1.41 25.41
C GLU C 11 -11.71 -1.45 25.18
N LEU C 12 -12.09 -1.91 24.00
CA LEU C 12 -13.47 -1.76 23.63
C LEU C 12 -14.23 -3.04 23.79
N ASN C 13 -15.55 -2.93 23.65
CA ASN C 13 -16.38 -4.15 23.70
C ASN C 13 -16.04 -5.23 22.71
N ILE C 14 -15.57 -4.84 21.52
CA ILE C 14 -14.93 -5.75 20.61
C ILE C 14 -13.49 -5.94 21.08
N SER C 15 -13.21 -7.12 21.62
CA SER C 15 -11.92 -7.40 22.22
C SER C 15 -10.83 -7.19 21.20
N GLY C 16 -9.65 -6.78 21.65
CA GLY C 16 -8.57 -6.55 20.75
C GLY C 16 -8.65 -5.23 19.99
N CYS C 17 -9.71 -4.44 20.20
CA CYS C 17 -9.81 -3.08 19.64
C CYS C 17 -9.85 -2.06 20.74
N TYR C 18 -9.31 -0.89 20.45
CA TYR C 18 -9.01 0.10 21.46
C TYR C 18 -9.25 1.48 20.90
N LEU C 19 -9.93 2.33 21.69
CA LEU C 19 -9.88 3.77 21.58
C LEU C 19 -8.65 4.35 22.29
N ILE C 20 -7.90 5.12 21.52
CA ILE C 20 -6.75 5.78 22.04
C ILE C 20 -7.02 7.29 21.99
N GLU C 21 -6.84 7.91 23.14
CA GLU C 21 -7.12 9.35 23.32
C GLU C 21 -5.82 10.05 23.64
N SER C 22 -5.39 10.85 22.70
CA SER C 22 -4.07 11.45 22.72
C SER C 22 -4.17 12.79 23.41
N PRO C 23 -3.11 13.14 24.17
CA PRO C 23 -3.10 14.45 24.86
C PRO C 23 -2.71 15.55 23.89
N ILE C 24 -2.82 16.81 24.31
CA ILE C 24 -2.34 17.91 23.48
C ILE C 24 -1.58 18.95 24.33
N PHE C 25 -0.57 19.56 23.74
CA PHE C 25 0.13 20.67 24.39
C PHE C 25 0.00 21.79 23.37
N SER C 26 -0.37 22.98 23.83
CA SER C 26 -0.71 24.10 22.96
C SER C 26 0.04 25.33 23.45
N ASP C 27 0.55 26.12 22.50
CA ASP C 27 1.17 27.40 22.81
C ASP C 27 1.07 28.31 21.59
N GLU C 28 1.88 29.36 21.56
CA GLU C 28 1.75 30.38 20.52
CA GLU C 28 1.80 30.38 20.53
C GLU C 28 2.22 29.83 19.16
N ARG C 29 2.91 28.69 19.16
CA ARG C 29 3.37 28.14 17.89
C ARG C 29 2.37 27.22 17.21
N GLY C 30 1.46 26.66 18.00
CA GLY C 30 0.40 25.78 17.54
C GLY C 30 0.25 24.66 18.55
N GLU C 31 0.38 23.42 18.11
CA GLU C 31 0.01 22.28 18.94
C GLU C 31 1.01 21.13 18.72
N PHE C 32 1.12 20.28 19.73
CA PHE C 32 1.84 19.01 19.69
C PHE C 32 0.89 17.93 20.19
N VAL C 33 0.76 16.79 19.49
CA VAL C 33 -0.14 15.70 19.91
C VAL C 33 0.62 14.37 19.87
N LYS C 34 0.65 13.69 21.00
CA LYS C 34 1.32 12.41 21.12
C LYS C 34 0.36 11.28 20.77
N THR C 35 0.78 10.46 19.80
CA THR C 35 -0.05 9.41 19.25
C THR C 35 0.28 8.00 19.59
N HIS C 36 1.53 7.77 19.94
CA HIS C 36 1.99 6.46 20.31
C HIS C 36 3.12 6.57 21.30
N HIS C 37 3.13 5.67 22.26
CA HIS C 37 4.26 5.51 23.15
C HIS C 37 4.34 4.02 23.46
N GLN C 38 5.48 3.39 23.19
CA GLN C 38 5.47 1.95 23.27
C GLN C 38 5.25 1.40 24.69
N GLU C 39 5.70 2.13 25.72
CA GLU C 39 5.59 1.61 27.08
C GLU C 39 4.13 1.61 27.51
N ILE C 40 3.41 2.67 27.17
CA ILE C 40 1.97 2.81 27.42
C ILE C 40 1.20 1.69 26.72
N PHE C 41 1.47 1.48 25.44
CA PHE C 41 0.81 0.45 24.63
C PHE C 41 1.07 -0.96 25.20
N LYS C 42 2.28 -1.15 25.67
CA LYS C 42 2.72 -2.49 26.09
C LYS C 42 1.90 -2.96 27.31
N ASN C 43 1.40 -2.06 28.11
CA ASN C 43 0.59 -2.49 29.29
C ASN C 43 -0.66 -3.26 28.86
N PHE C 44 -1.16 -2.92 27.68
CA PHE C 44 -2.36 -3.52 27.07
C PHE C 44 -2.05 -4.72 26.18
N GLY C 45 -0.76 -5.05 26.17
CA GLY C 45 -0.24 -6.13 25.41
C GLY C 45 -0.08 -5.74 23.97
N LEU C 46 -0.04 -4.44 23.66
CA LEU C 46 0.01 -3.96 22.26
C LEU C 46 1.36 -3.41 21.85
N GLU C 47 1.65 -3.53 20.53
CA GLU C 47 2.85 -2.98 19.95
C GLU C 47 2.32 -2.15 18.79
N ILE C 48 2.97 -1.02 18.47
CA ILE C 48 2.44 -0.26 17.33
C ILE C 48 2.62 -1.09 16.06
N PRO C 49 1.61 -1.08 15.16
CA PRO C 49 1.83 -1.72 13.85
C PRO C 49 2.93 -0.98 13.13
N SER C 50 3.91 -1.72 12.64
CA SER C 50 5.07 -1.07 12.07
C SER C 50 5.63 -1.76 10.83
N ALA C 51 4.77 -2.43 10.05
CA ALA C 51 5.17 -3.08 8.82
C ALA C 51 4.97 -2.14 7.65
N GLU C 52 3.90 -1.38 7.70
CA GLU C 52 3.52 -0.48 6.62
C GLU C 52 2.79 0.76 7.15
N GLU C 53 2.95 1.85 6.43
CA GLU C 53 2.16 3.02 6.77
C GLU C 53 1.83 3.74 5.46
N TYR C 54 0.64 4.32 5.46
CA TYR C 54 0.21 5.17 4.40
C TYR C 54 -0.75 6.18 4.95
N TYR C 55 -0.96 7.24 4.19
CA TYR C 55 -2.02 8.15 4.53
C TYR C 55 -2.91 8.33 3.29
N SER C 56 -4.21 8.42 3.54
CA SER C 56 -5.24 8.77 2.56
C SER C 56 -5.76 10.19 2.73
N ARG C 57 -6.16 10.77 1.59
CA ARG C 57 -6.75 12.10 1.52
C ARG C 57 -8.05 11.96 0.76
N SER C 58 -9.16 12.12 1.47
CA SER C 58 -10.50 11.79 0.95
C SER C 58 -11.37 13.05 0.73
N LYS C 59 -12.04 13.10 -0.40
CA LYS C 59 -13.08 14.12 -0.64
C LYS C 59 -14.22 13.87 0.34
N ASN C 60 -15.11 14.85 0.59
CA ASN C 60 -16.33 14.61 1.40
C ASN C 60 -17.17 13.51 0.76
N ASN C 61 -17.78 12.69 1.61
CA ASN C 61 -18.75 11.63 1.25
C ASN C 61 -18.19 10.43 0.52
N VAL C 62 -16.88 10.29 0.62
CA VAL C 62 -16.25 9.03 0.31
C VAL C 62 -16.56 8.03 1.43
N ILE C 63 -16.91 6.81 1.05
CA ILE C 63 -16.80 5.66 1.95
C ILE C 63 -15.70 4.77 1.36
N ARG C 64 -14.77 4.38 2.22
CA ARG C 64 -13.77 3.40 1.89
C ARG C 64 -13.92 2.23 2.86
N GLY C 65 -13.92 1.02 2.34
CA GLY C 65 -14.02 -0.16 3.22
C GLY C 65 -15.03 -1.12 2.65
N MET C 66 -15.39 -2.18 3.37
CA MET C 66 -14.76 -2.53 4.64
C MET C 66 -13.61 -3.48 4.33
N HIS C 67 -12.42 -3.15 4.83
CA HIS C 67 -11.22 -3.88 4.46
C HIS C 67 -10.53 -4.67 5.62
N PHE C 68 -9.90 -5.78 5.26
CA PHE C 68 -9.15 -6.61 6.17
C PHE C 68 -8.30 -7.53 5.32
N GLN C 69 -7.29 -8.16 5.91
CA GLN C 69 -6.45 -9.14 5.22
C GLN C 69 -6.56 -10.44 5.94
N GLN C 70 -6.64 -11.50 5.16
CA GLN C 70 -6.96 -12.82 5.68
C GLN C 70 -5.75 -13.53 6.20
N TYR C 71 -5.99 -14.43 7.14
CA TYR C 71 -4.90 -15.27 7.62
C TYR C 71 -4.25 -15.94 6.41
N PRO C 72 -2.92 -16.09 6.43
CA PRO C 72 -1.98 -15.84 7.54
C PRO C 72 -1.31 -14.47 7.44
N ASP C 73 -1.86 -13.57 6.62
CA ASP C 73 -1.34 -12.22 6.50
C ASP C 73 -2.22 -11.18 7.19
N ASP C 74 -3.08 -11.64 8.10
CA ASP C 74 -3.88 -10.75 8.89
C ASP C 74 -3.04 -9.78 9.74
N HIS C 75 -3.59 -8.61 10.03
CA HIS C 75 -2.77 -7.64 10.75
C HIS C 75 -3.56 -6.71 11.63
N ASN C 76 -2.85 -6.19 12.64
CA ASN C 76 -3.34 -5.10 13.45
C ASN C 76 -3.24 -3.85 12.62
N LYS C 77 -4.14 -2.93 12.94
CA LYS C 77 -4.27 -1.70 12.21
C LYS C 77 -4.47 -0.52 13.16
N LEU C 78 -3.78 0.58 12.89
CA LEU C 78 -3.88 1.74 13.76
C LEU C 78 -4.09 3.01 12.91
N VAL C 79 -5.17 3.74 13.16
CA VAL C 79 -5.56 4.93 12.40
C VAL C 79 -5.82 6.16 13.27
N PHE C 80 -5.49 7.35 12.76
CA PHE C 80 -5.91 8.57 13.35
C PHE C 80 -6.17 9.59 12.25
N CYS C 81 -6.89 10.65 12.60
CA CYS C 81 -7.29 11.66 11.65
C CYS C 81 -6.81 13.03 12.13
N PRO C 82 -5.72 13.52 11.55
CA PRO C 82 -5.20 14.80 11.96
C PRO C 82 -5.70 16.00 11.15
N GLU C 83 -6.56 15.76 10.17
CA GLU C 83 -7.11 16.86 9.41
C GLU C 83 -8.40 16.33 8.79
N GLY C 84 -9.43 17.16 8.79
CA GLY C 84 -10.76 16.71 8.31
C GLY C 84 -11.52 15.92 9.35
N GLU C 85 -12.35 14.98 8.92
CA GLU C 85 -13.16 14.22 9.87
C GLU C 85 -13.61 12.95 9.19
N VAL C 86 -13.64 11.86 9.96
CA VAL C 86 -14.31 10.67 9.51
C VAL C 86 -15.25 10.14 10.56
N LEU C 87 -16.19 9.34 10.06
CA LEU C 87 -16.87 8.37 10.88
C LEU C 87 -16.20 7.07 10.58
N ASP C 88 -15.45 6.59 11.55
CA ASP C 88 -14.74 5.34 11.45
C ASP C 88 -15.62 4.23 11.96
N VAL C 89 -15.63 3.16 11.19
CA VAL C 89 -16.55 2.03 11.39
C VAL C 89 -15.76 0.71 11.29
N PHE C 90 -15.99 -0.19 12.24
CA PHE C 90 -15.38 -1.49 12.16
C PHE C 90 -16.30 -2.62 12.60
N LEU C 91 -16.12 -3.76 11.95
CA LEU C 91 -16.99 -4.91 12.14
C LEU C 91 -16.14 -6.10 12.53
N ASP C 92 -16.52 -6.76 13.61
CA ASP C 92 -15.88 -8.00 14.02
C ASP C 92 -16.33 -9.17 13.13
N ILE C 93 -15.42 -9.66 12.30
CA ILE C 93 -15.69 -10.81 11.42
C ILE C 93 -14.90 -12.04 11.89
N ARG C 94 -14.41 -12.05 13.12
CA ARG C 94 -13.76 -13.25 13.65
C ARG C 94 -14.80 -14.30 14.09
N LYS C 95 -14.92 -15.37 13.33
CA LYS C 95 -16.03 -16.30 13.59
C LYS C 95 -16.15 -16.73 15.06
N ASP C 96 -15.03 -16.97 15.70
CA ASP C 96 -15.11 -17.52 17.05
C ASP C 96 -15.07 -16.43 18.14
N SER C 97 -15.28 -15.18 17.72
CA SER C 97 -15.28 -14.07 18.65
C SER C 97 -16.62 -14.00 19.35
N ASN C 98 -16.57 -13.67 20.64
CA ASN C 98 -17.76 -13.26 21.36
C ASN C 98 -18.51 -12.05 20.82
N THR C 99 -17.97 -11.23 19.90
CA THR C 99 -18.72 -10.09 19.40
C THR C 99 -18.82 -10.19 17.88
N TYR C 100 -18.72 -11.41 17.38
CA TYR C 100 -18.82 -11.70 15.96
C TYR C 100 -20.07 -11.10 15.33
N GLY C 101 -19.86 -10.41 14.22
CA GLY C 101 -20.96 -9.74 13.54
C GLY C 101 -21.32 -8.45 14.21
N GLN C 102 -20.66 -8.05 15.31
CA GLN C 102 -21.00 -6.74 15.88
C GLN C 102 -20.09 -5.63 15.33
N PHE C 103 -20.51 -4.38 15.41
CA PHE C 103 -19.68 -3.28 14.92
C PHE C 103 -19.75 -2.13 15.89
N MET C 104 -18.79 -1.22 15.74
CA MET C 104 -18.74 0.00 16.51
C MET C 104 -18.31 1.07 15.58
N SER C 105 -18.60 2.30 15.97
CA SER C 105 -18.15 3.43 15.18
C SER C 105 -17.79 4.64 16.05
N PHE C 106 -16.86 5.46 15.55
CA PHE C 106 -16.34 6.62 16.25
C PHE C 106 -16.00 7.69 15.26
N ILE C 107 -16.36 8.91 15.59
CA ILE C 107 -15.92 10.04 14.83
C ILE C 107 -14.47 10.29 15.22
N LEU C 108 -13.59 10.42 14.23
CA LEU C 108 -12.18 10.76 14.43
C LEU C 108 -11.89 12.08 13.73
N ASN C 109 -11.15 12.94 14.43
CA ASN C 109 -10.74 14.20 13.85
C ASN C 109 -9.64 14.80 14.74
N PRO C 110 -9.07 15.93 14.28
CA PRO C 110 -7.95 16.52 15.02
C PRO C 110 -8.39 17.16 16.32
N HIS C 111 -9.71 17.38 16.44
CA HIS C 111 -10.23 17.94 17.66
C HIS C 111 -10.31 17.03 18.80
N ASN C 112 -10.80 15.82 18.57
CA ASN C 112 -10.86 14.84 19.65
C ASN C 112 -9.58 14.03 19.77
N ARG C 113 -8.82 14.02 18.68
CA ARG C 113 -7.48 13.43 18.74
C ARG C 113 -7.60 11.94 18.98
N ARG C 114 -8.66 11.31 18.50
CA ARG C 114 -8.79 9.91 18.75
C ARG C 114 -8.02 9.10 17.73
N SER C 115 -7.41 8.00 18.18
CA SER C 115 -6.91 6.91 17.29
C SER C 115 -7.71 5.67 17.64
N ILE C 116 -7.84 4.79 16.64
CA ILE C 116 -8.45 3.46 16.83
C ILE C 116 -7.40 2.42 16.50
N PHE C 117 -7.20 1.44 17.40
CA PHE C 117 -6.40 0.27 17.18
C PHE C 117 -7.38 -0.90 16.95
N LEU C 118 -7.18 -1.65 15.86
CA LEU C 118 -8.00 -2.80 15.45
C LEU C 118 -7.18 -4.07 15.40
N ALA C 119 -7.69 -5.12 16.00
CA ALA C 119 -7.06 -6.39 15.93
C ALA C 119 -7.19 -7.00 14.54
N LYS C 120 -6.48 -8.11 14.41
CA LYS C 120 -6.58 -8.98 13.24
C LYS C 120 -8.00 -9.51 13.15
N GLY C 121 -8.54 -9.59 11.94
CA GLY C 121 -9.89 -10.13 11.72
C GLY C 121 -11.01 -9.14 12.01
N ILE C 122 -10.62 -7.87 11.90
CA ILE C 122 -11.59 -6.82 12.01
C ILE C 122 -11.66 -6.15 10.65
N ALA C 123 -12.89 -5.96 10.18
CA ALA C 123 -13.07 -5.27 8.92
C ALA C 123 -13.18 -3.77 9.18
N HIS C 124 -12.36 -2.96 8.47
CA HIS C 124 -12.31 -1.55 8.74
C HIS C 124 -12.77 -0.67 7.58
N GLY C 125 -13.52 0.37 7.88
CA GLY C 125 -13.85 1.40 6.93
C GLY C 125 -14.14 2.78 7.52
N PHE C 126 -14.38 3.73 6.64
CA PHE C 126 -14.78 5.06 7.10
C PHE C 126 -15.54 5.85 6.06
N LEU C 127 -16.27 6.80 6.58
CA LEU C 127 -16.94 7.83 5.81
C LEU C 127 -16.22 9.15 6.04
N SER C 128 -15.71 9.74 4.97
CA SER C 128 -15.13 11.07 5.03
C SER C 128 -16.25 12.04 5.13
N MET C 129 -16.22 12.88 6.17
CA MET C 129 -17.20 13.91 6.41
C MET C 129 -16.76 15.31 6.06
N LYS C 130 -15.58 15.41 5.47
CA LYS C 130 -15.00 16.68 5.01
C LYS C 130 -14.03 16.42 3.89
N ASP C 131 -13.86 17.44 3.06
CA ASP C 131 -12.88 17.40 2.01
C ASP C 131 -11.52 17.49 2.68
N ASN C 132 -10.51 17.06 1.94
CA ASN C 132 -9.15 16.98 2.46
C ASN C 132 -9.05 16.29 3.81
N THR C 133 -9.84 15.24 4.00
CA THR C 133 -9.71 14.41 5.21
C THR C 133 -8.54 13.44 5.11
N LEU C 134 -7.66 13.54 6.09
CA LEU C 134 -6.45 12.71 6.16
C LEU C 134 -6.69 11.63 7.19
N ILE C 135 -6.35 10.44 6.76
CA ILE C 135 -6.28 9.32 7.67
C ILE C 135 -4.89 8.73 7.53
N VAL C 136 -4.20 8.69 8.65
CA VAL C 136 -2.89 8.04 8.69
C VAL C 136 -3.06 6.66 9.25
N CYS C 137 -2.54 5.67 8.54
CA CYS C 137 -2.84 4.28 8.79
C CYS C 137 -1.59 3.42 8.80
N LYS C 138 -1.47 2.67 9.89
CA LYS C 138 -0.45 1.66 10.01
C LYS C 138 -0.95 0.24 10.13
N THR C 139 -0.22 -0.67 9.51
CA THR C 139 -0.55 -2.09 9.60
C THR C 139 0.63 -2.91 10.06
N SER C 140 0.32 -4.03 10.71
CA SER C 140 1.35 -4.85 11.33
C SER C 140 1.96 -5.90 10.38
N THR C 141 1.40 -6.02 9.19
CA THR C 141 2.01 -6.83 8.15
C THR C 141 1.77 -5.99 6.89
N VAL C 142 2.61 -6.20 5.90
CA VAL C 142 2.50 -5.47 4.67
C VAL C 142 1.26 -5.89 3.85
N HIS C 143 0.86 -5.04 2.91
CA HIS C 143 -0.25 -5.33 2.00
C HIS C 143 0.07 -6.64 1.28
N SER C 144 -0.89 -7.55 1.29
CA SER C 144 -0.81 -8.91 0.76
C SER C 144 -1.91 -9.02 -0.27
N PRO C 145 -1.54 -8.79 -1.53
CA PRO C 145 -2.53 -8.81 -2.61
C PRO C 145 -3.28 -10.13 -2.63
N SER C 146 -2.61 -11.21 -2.29
CA SER C 146 -3.26 -12.49 -2.28
C SER C 146 -4.28 -12.66 -1.16
N ARG C 147 -4.10 -11.95 -0.04
CA ARG C 147 -5.01 -12.12 1.09
C ARG C 147 -5.89 -10.92 1.35
N ASP C 148 -5.78 -9.89 0.53
CA ASP C 148 -6.52 -8.66 0.74
C ASP C 148 -7.95 -8.99 0.47
N SER C 149 -8.86 -8.50 1.32
CA SER C 149 -10.24 -8.91 1.21
C SER C 149 -11.13 -7.79 1.76
N GLY C 150 -12.41 -8.08 1.79
CA GLY C 150 -13.36 -7.10 2.26
C GLY C 150 -14.77 -7.57 2.46
N ILE C 151 -15.59 -6.69 3.02
CA ILE C 151 -17.01 -6.90 3.12
C ILE C 151 -17.71 -5.61 2.66
N HIS C 152 -18.88 -5.76 2.08
CA HIS C 152 -19.59 -4.64 1.47
C HIS C 152 -20.08 -3.70 2.58
N TRP C 153 -19.78 -2.40 2.39
CA TRP C 153 -20.08 -1.32 3.33
C TRP C 153 -21.52 -1.27 3.78
N ASN C 154 -22.44 -1.64 2.87
CA ASN C 154 -23.87 -1.62 3.20
C ASN C 154 -24.49 -2.96 3.61
N SER C 155 -23.71 -3.95 4.03
CA SER C 155 -24.18 -5.33 4.17
C SER C 155 -24.10 -5.89 5.59
N PHE C 156 -23.85 -5.06 6.61
CA PHE C 156 -23.58 -5.60 7.94
C PHE C 156 -24.44 -4.93 9.02
N GLY C 157 -25.40 -4.14 8.58
CA GLY C 157 -26.38 -3.53 9.47
C GLY C 157 -26.16 -2.07 9.81
N PHE C 158 -25.06 -1.50 9.31
CA PHE C 158 -24.81 -0.12 9.70
C PHE C 158 -25.71 0.86 8.96
N LYS C 159 -26.04 1.96 9.60
CA LYS C 159 -26.83 3.00 8.96
C LYS C 159 -25.87 4.15 8.67
N TRP C 160 -25.38 4.25 7.44
CA TRP C 160 -24.40 5.28 7.12
C TRP C 160 -25.11 6.61 6.91
N PRO C 161 -24.73 7.65 7.66
CA PRO C 161 -25.36 8.96 7.48
C PRO C 161 -24.85 9.68 6.26
N VAL C 162 -25.22 9.18 5.09
CA VAL C 162 -24.91 9.87 3.85
C VAL C 162 -25.86 9.43 2.74
N GLU C 163 -26.01 10.28 1.72
CA GLU C 163 -26.63 9.87 0.47
C GLU C 163 -25.70 9.99 -0.74
N ASN C 164 -25.69 8.93 -1.54
CA ASN C 164 -24.90 8.86 -2.75
C ASN C 164 -23.42 9.05 -2.47
N PRO C 165 -22.92 8.22 -1.54
CA PRO C 165 -21.52 8.20 -1.12
C PRO C 165 -20.70 7.86 -2.32
N ILE C 166 -19.44 8.29 -2.33
CA ILE C 166 -18.59 8.00 -3.44
C ILE C 166 -17.73 6.82 -3.00
N ILE C 167 -17.68 5.80 -3.85
CA ILE C 167 -17.22 4.49 -3.46
C ILE C 167 -16.54 3.84 -4.67
N SER C 168 -15.38 3.22 -4.45
CA SER C 168 -14.60 2.66 -5.55
C SER C 168 -15.39 1.53 -6.22
N ASP C 169 -15.05 1.20 -7.45
CA ASP C 169 -15.69 0.08 -8.10
C ASP C 169 -15.35 -1.16 -7.26
N LYS C 170 -14.12 -1.18 -6.75
CA LYS C 170 -13.59 -2.34 -6.05
C LYS C 170 -14.42 -2.56 -4.81
N ASP C 171 -14.66 -1.48 -4.09
CA ASP C 171 -15.43 -1.49 -2.86
C ASP C 171 -16.91 -1.80 -3.13
N ARG C 172 -17.42 -1.28 -4.24
CA ARG C 172 -18.77 -1.65 -4.63
C ARG C 172 -18.99 -3.14 -4.90
N ASN C 173 -17.97 -3.85 -5.34
CA ASN C 173 -18.08 -5.30 -5.64
C ASN C 173 -17.61 -6.27 -4.54
N LEU C 174 -17.34 -5.76 -3.35
CA LEU C 174 -17.03 -6.62 -2.20
C LEU C 174 -18.24 -7.51 -1.85
N ASP C 175 -17.97 -8.67 -1.29
CA ASP C 175 -19.02 -9.60 -0.89
C ASP C 175 -19.78 -9.07 0.30
N CYS C 176 -21.05 -9.47 0.39
CA CYS C 176 -21.89 -9.07 1.51
C CYS C 176 -21.45 -9.94 2.67
N PHE C 177 -21.49 -9.36 3.86
CA PHE C 177 -21.15 -10.08 5.08
C PHE C 177 -22.16 -11.22 5.34
#